data_2WM5
#
_entry.id   2WM5
#
_cell.length_a   142.277
_cell.length_b   74.006
_cell.length_c   58.589
_cell.angle_alpha   90.00
_cell.angle_beta   103.13
_cell.angle_gamma   90.00
#
_symmetry.space_group_name_H-M   'C 1 2 1'
#
loop_
_entity.id
_entity.type
_entity.pdbx_description
1 polymer 'PUTATIVE CYTOCHROME P450 124'
2 non-polymer 'PROTOPORPHYRIN IX CONTAINING FE'
3 water water
#
_entity_poly.entity_id   1
_entity_poly.type   'polypeptide(L)'
_entity_poly.pdbx_seq_one_letter_code
;MHHHHHHMGLNTAIATRVNGTPPPEVPIADIELGSLDFWALDDDVRDGAFATLRREAPISFWPTIELPGFVAGNGHWALT
KYDDVFYASRHPDIFSSYPNITINDQTPELAEYFGSMIVLDDPRHQRLRSIVSRAFTPKVVARIEAAVRDRAHRLVSSMI
ANNPDRQADLVSELAGPLPLQIICDMMGIPKADHQRIFHWTNVILGFGDPDLATDFDEFMQVSADIGAYATALAEDRRVN
HHDDLTSSLVEAEVDGERLSSREIASFFILLVVAGNETTRNAITHGVLALSRYPEQRDRWWSDFDGLAPTAVEEIVRWAS
PVVYMRRTLTQDIELRGTKMAAGDKVSLWYCSANRDESKFADPWTFDLARNPNPHLGFGGGGAHFCLGANLARREIRVAF
DELRRQMPDVVATEEPARLLSQFIHGIKTLPVTWS
;
_entity_poly.pdbx_strand_id   A
#
# COMPACT_ATOMS: atom_id res chain seq x y z
N MET A 8 24.14 -13.55 11.21
CA MET A 8 24.54 -14.95 11.67
C MET A 8 23.50 -16.02 11.40
N GLY A 9 22.43 -16.01 12.19
CA GLY A 9 21.33 -16.96 11.98
C GLY A 9 20.52 -16.75 10.70
N LEU A 10 21.13 -16.18 9.63
CA LEU A 10 20.42 -15.86 8.37
C LEU A 10 20.18 -17.12 7.51
N ASN A 11 20.64 -18.28 7.99
CA ASN A 11 20.34 -19.56 7.32
C ASN A 11 19.27 -20.41 8.05
N THR A 12 18.72 -19.92 9.17
CA THR A 12 17.78 -20.71 9.99
C THR A 12 16.39 -19.96 10.14
N ALA A 13 15.28 -20.69 10.02
CA ALA A 13 13.91 -20.07 10.05
C ALA A 13 13.64 -19.33 11.36
N ILE A 14 12.92 -18.22 11.26
CA ILE A 14 12.39 -17.54 12.41
C ILE A 14 11.46 -18.46 13.23
N ALA A 15 11.22 -18.02 14.48
CA ALA A 15 10.31 -18.66 15.37
C ALA A 15 8.91 -18.62 14.77
N THR A 16 8.21 -19.73 14.89
CA THR A 16 6.80 -19.73 14.55
C THR A 16 6.00 -19.07 15.65
N ARG A 17 4.75 -18.75 15.34
CA ARG A 17 3.83 -18.29 16.38
C ARG A 17 2.62 -19.17 16.45
N VAL A 18 1.92 -19.13 17.61
CA VAL A 18 0.71 -19.87 17.71
C VAL A 18 -0.43 -19.06 17.04
N ASN A 19 -1.00 -19.59 15.97
CA ASN A 19 -2.09 -18.84 15.26
C ASN A 19 -3.30 -18.62 16.19
N GLY A 20 -3.92 -17.44 16.09
CA GLY A 20 -5.14 -17.14 16.88
C GLY A 20 -4.82 -16.49 18.23
N THR A 21 -3.54 -16.27 18.56
CA THR A 21 -3.20 -15.70 19.88
C THR A 21 -3.48 -14.21 19.87
N PRO A 22 -4.29 -13.70 20.80
CA PRO A 22 -4.49 -12.24 20.80
C PRO A 22 -3.26 -11.51 21.32
N PRO A 23 -3.16 -10.23 21.00
CA PRO A 23 -2.02 -9.42 21.51
C PRO A 23 -2.12 -9.26 23.03
N PRO A 24 -0.97 -9.02 23.66
CA PRO A 24 -0.99 -8.74 25.10
C PRO A 24 -1.84 -7.54 25.38
N GLU A 25 -2.38 -7.46 26.58
CA GLU A 25 -3.22 -6.31 26.97
C GLU A 25 -2.35 -5.06 27.01
N VAL A 26 -2.84 -3.99 26.42
CA VAL A 26 -2.08 -2.79 26.46
C VAL A 26 -2.91 -1.74 27.19
N PRO A 27 -2.44 -1.26 28.37
CA PRO A 27 -3.17 -0.19 29.09
C PRO A 27 -3.36 1.04 28.20
N ILE A 28 -4.54 1.62 28.25
CA ILE A 28 -4.83 2.81 27.43
C ILE A 28 -3.77 3.94 27.67
N ALA A 29 -3.31 4.11 28.93
CA ALA A 29 -2.24 5.13 29.18
C ALA A 29 -0.95 4.96 28.38
N ASP A 30 -0.67 3.73 27.93
CA ASP A 30 0.53 3.46 27.16
C ASP A 30 0.41 3.89 25.69
N ILE A 31 -0.80 4.24 25.26
CA ILE A 31 -1.07 4.46 23.82
C ILE A 31 -0.82 5.95 23.52
N GLU A 32 0.14 6.23 22.66
CA GLU A 32 0.49 7.63 22.35
C GLU A 32 0.61 7.73 20.78
N LEU A 33 -0.54 7.86 20.14
CA LEU A 33 -0.55 7.90 18.64
C LEU A 33 0.20 9.09 18.09
N GLY A 34 0.34 10.13 18.91
CA GLY A 34 1.07 11.37 18.56
C GLY A 34 2.59 11.32 18.88
N SER A 35 3.11 10.16 19.33
CA SER A 35 4.54 10.02 19.67
C SER A 35 5.22 9.09 18.68
N LEU A 36 6.32 9.59 18.11
CA LEU A 36 7.09 8.70 17.16
C LEU A 36 7.56 7.43 17.84
N ASP A 37 7.92 7.48 19.14
CA ASP A 37 8.39 6.30 19.88
C ASP A 37 7.30 5.23 19.95
N PHE A 38 6.02 5.63 19.94
CA PHE A 38 4.96 4.65 19.93
C PHE A 38 4.99 3.80 18.62
N TRP A 39 5.26 4.48 17.49
CA TRP A 39 5.26 3.82 16.14
C TRP A 39 6.43 2.87 15.96
N ALA A 40 7.47 3.03 16.80
CA ALA A 40 8.58 2.09 16.84
C ALA A 40 8.30 0.81 17.62
N LEU A 41 7.23 0.78 18.42
CA LEU A 41 6.92 -0.44 19.21
C LEU A 41 6.52 -1.56 18.25
N ASP A 42 6.63 -2.82 18.68
CA ASP A 42 6.38 -3.84 17.68
C ASP A 42 4.88 -4.02 17.41
N ASP A 43 4.54 -4.84 16.44
CA ASP A 43 3.19 -4.92 15.99
C ASP A 43 2.30 -5.52 17.07
N ASP A 44 2.82 -6.36 17.99
CA ASP A 44 1.93 -6.90 19.02
C ASP A 44 1.45 -5.83 19.94
N VAL A 45 2.36 -4.94 20.31
CA VAL A 45 1.97 -3.78 21.17
C VAL A 45 1.03 -2.87 20.37
N ARG A 46 1.35 -2.61 19.07
CA ARG A 46 0.43 -1.79 18.30
C ARG A 46 -0.96 -2.41 18.17
N ASP A 47 -1.00 -3.67 17.82
CA ASP A 47 -2.31 -4.35 17.64
C ASP A 47 -3.07 -4.36 18.96
N GLY A 48 -2.37 -4.60 20.08
CA GLY A 48 -3.07 -4.55 21.41
C GLY A 48 -3.53 -3.14 21.72
N ALA A 49 -2.78 -2.14 21.28
CA ALA A 49 -3.17 -0.72 21.53
C ALA A 49 -4.49 -0.48 20.80
N PHE A 50 -4.56 -0.78 19.50
CA PHE A 50 -5.86 -0.53 18.79
C PHE A 50 -6.95 -1.40 19.36
N ALA A 51 -6.63 -2.62 19.84
CA ALA A 51 -7.68 -3.39 20.54
C ALA A 51 -8.24 -2.70 21.78
N THR A 52 -7.35 -2.07 22.53
CA THR A 52 -7.78 -1.31 23.72
C THR A 52 -8.64 -0.11 23.29
N LEU A 53 -8.21 0.62 22.26
CA LEU A 53 -9.04 1.74 21.78
C LEU A 53 -10.43 1.27 21.31
N ARG A 54 -10.53 0.19 20.51
CA ARG A 54 -11.83 -0.27 20.07
C ARG A 54 -12.73 -0.55 21.24
N ARG A 55 -12.16 -1.18 22.27
CA ARG A 55 -12.95 -1.60 23.46
C ARG A 55 -13.27 -0.45 24.33
N GLU A 56 -12.33 0.48 24.61
CA GLU A 56 -12.48 1.45 25.74
C GLU A 56 -12.69 2.85 25.27
N ALA A 57 -12.17 3.24 24.07
CA ALA A 57 -12.19 4.64 23.62
C ALA A 57 -12.16 4.67 22.09
N PRO A 58 -13.31 4.27 21.47
CA PRO A 58 -13.18 3.93 20.05
C PRO A 58 -13.00 5.17 19.16
N ILE A 59 -13.37 6.35 19.69
CA ILE A 59 -13.12 7.64 18.93
C ILE A 59 -12.39 8.57 19.93
N SER A 60 -11.21 9.03 19.58
CA SER A 60 -10.43 9.81 20.53
C SER A 60 -9.54 10.76 19.74
N PHE A 61 -9.10 11.86 20.36
CA PHE A 61 -8.37 12.88 19.63
C PHE A 61 -6.93 12.84 20.02
N TRP A 62 -6.04 13.00 19.02
CA TRP A 62 -4.61 12.85 19.21
C TRP A 62 -3.82 13.97 18.54
N PRO A 63 -2.70 14.34 19.11
CA PRO A 63 -1.82 15.36 18.46
C PRO A 63 -1.11 14.72 17.27
N THR A 64 -0.64 15.57 16.32
CA THR A 64 0.16 15.03 15.23
C THR A 64 1.53 14.71 15.78
N ILE A 65 2.25 13.85 15.10
CA ILE A 65 3.62 13.66 15.44
C ILE A 65 4.37 14.92 14.97
N GLU A 66 5.13 15.54 15.87
CA GLU A 66 6.07 16.59 15.36
C GLU A 66 7.51 16.06 15.21
N LEU A 67 8.11 16.24 14.02
CA LEU A 67 9.59 16.51 13.86
C LEU A 67 10.17 16.46 12.45
N VAL A 71 6.64 21.50 11.53
CA VAL A 71 5.51 22.18 12.21
C VAL A 71 4.41 21.20 12.71
N ALA A 72 4.21 21.22 14.04
CA ALA A 72 3.11 20.51 14.72
C ALA A 72 1.78 21.04 14.15
N GLY A 73 0.89 20.21 13.68
CA GLY A 73 -0.34 20.83 13.15
C GLY A 73 -1.49 20.55 14.08
N ASN A 74 -2.71 20.68 13.58
CA ASN A 74 -3.91 20.32 14.33
C ASN A 74 -3.98 18.83 14.54
N GLY A 75 -4.57 18.39 15.65
CA GLY A 75 -4.67 16.94 15.94
C GLY A 75 -5.82 16.29 15.12
N HIS A 76 -6.11 15.02 15.43
CA HIS A 76 -7.05 14.26 14.59
C HIS A 76 -7.88 13.31 15.42
N TRP A 77 -9.13 13.10 14.98
CA TRP A 77 -9.98 12.08 15.66
C TRP A 77 -9.70 10.74 15.04
N ALA A 78 -9.28 9.75 15.87
CA ALA A 78 -8.95 8.40 15.36
C ALA A 78 -10.24 7.56 15.38
N LEU A 79 -10.62 7.09 14.20
CA LEU A 79 -11.75 6.15 14.08
C LEU A 79 -11.14 4.73 14.01
N THR A 80 -11.38 3.93 15.06
CA THR A 80 -10.76 2.62 15.21
C THR A 80 -11.71 1.48 14.95
N LYS A 81 -13.03 1.70 14.95
CA LYS A 81 -14.02 0.61 14.72
C LYS A 81 -14.30 0.50 13.21
N TYR A 82 -14.38 -0.74 12.74
CA TYR A 82 -14.71 -1.05 11.36
C TYR A 82 -15.98 -0.21 10.89
N ASP A 83 -17.06 -0.21 11.71
CA ASP A 83 -18.27 0.42 11.23
C ASP A 83 -18.07 1.93 11.03
N ASP A 84 -17.22 2.54 11.85
CA ASP A 84 -17.00 4.01 11.73
C ASP A 84 -16.11 4.30 10.50
N VAL A 85 -15.06 3.48 10.31
CA VAL A 85 -14.21 3.69 9.14
C VAL A 85 -15.06 3.48 7.84
N PHE A 86 -15.93 2.45 7.83
CA PHE A 86 -16.85 2.22 6.71
C PHE A 86 -17.75 3.40 6.48
N TYR A 87 -18.41 3.85 7.56
CA TYR A 87 -19.34 4.97 7.38
C TYR A 87 -18.56 6.22 6.84
N ALA A 88 -17.40 6.53 7.42
CA ALA A 88 -16.67 7.74 6.95
C ALA A 88 -16.30 7.60 5.47
N SER A 89 -15.86 6.39 5.08
CA SER A 89 -15.44 6.19 3.67
C SER A 89 -16.61 6.46 2.70
N ARG A 90 -17.84 6.03 3.10
CA ARG A 90 -19.00 6.12 2.23
C ARG A 90 -19.73 7.46 2.28
N HIS A 91 -19.22 8.38 3.11
CA HIS A 91 -19.80 9.72 3.19
C HIS A 91 -18.79 10.81 2.88
N PRO A 92 -18.27 10.81 1.63
CA PRO A 92 -17.23 11.80 1.30
C PRO A 92 -17.73 13.25 1.28
N ASP A 93 -19.06 13.50 1.19
CA ASP A 93 -19.55 14.90 1.30
C ASP A 93 -19.33 15.45 2.69
N ILE A 94 -19.23 14.55 3.68
CA ILE A 94 -18.99 14.96 5.04
C ILE A 94 -17.47 14.80 5.38
N PHE A 95 -16.86 13.66 4.97
CA PHE A 95 -15.45 13.41 5.27
C PHE A 95 -14.68 13.59 3.97
N SER A 96 -14.14 14.77 3.75
CA SER A 96 -13.60 15.16 2.44
C SER A 96 -12.15 14.73 2.35
N SER A 97 -11.72 14.34 1.14
CA SER A 97 -10.29 14.03 0.86
C SER A 97 -9.54 15.26 0.33
N TYR A 98 -10.24 16.42 0.14
CA TYR A 98 -9.55 17.55 -0.53
C TYR A 98 -8.93 18.51 0.48
N PRO A 99 -7.62 18.75 0.45
CA PRO A 99 -6.61 18.14 -0.43
C PRO A 99 -5.68 17.20 0.35
N ASN A 100 -6.02 16.82 1.56
CA ASN A 100 -5.06 16.04 2.38
C ASN A 100 -5.64 14.69 2.71
N ILE A 101 -4.79 13.65 2.52
CA ILE A 101 -5.22 12.33 3.01
C ILE A 101 -4.20 11.74 4.02
N THR A 102 -3.21 12.54 4.45
CA THR A 102 -2.36 12.13 5.58
C THR A 102 -2.71 13.05 6.72
N ILE A 103 -2.29 12.65 7.95
CA ILE A 103 -2.56 13.52 9.15
C ILE A 103 -1.82 14.84 9.07
N ASN A 104 -0.61 14.84 8.54
CA ASN A 104 0.11 16.15 8.41
C ASN A 104 -0.32 16.87 7.16
N ASP A 105 -0.63 18.14 7.27
CA ASP A 105 -1.18 18.84 6.09
C ASP A 105 -0.06 19.18 5.09
N GLN A 106 -0.42 19.05 3.81
CA GLN A 106 0.40 19.57 2.71
C GLN A 106 -0.36 20.80 2.06
N THR A 107 0.37 21.61 1.28
CA THR A 107 -0.33 22.67 0.48
C THR A 107 -1.18 21.98 -0.57
N PRO A 108 -2.26 22.62 -1.04
CA PRO A 108 -3.09 21.96 -2.03
C PRO A 108 -2.32 21.71 -3.34
N GLU A 109 -1.47 22.66 -3.78
CA GLU A 109 -0.79 22.41 -5.06
C GLU A 109 0.17 21.21 -4.96
N LEU A 110 0.84 21.04 -3.82
CA LEU A 110 1.81 19.91 -3.70
C LEU A 110 1.02 18.66 -3.53
N ALA A 111 -0.08 18.72 -2.82
CA ALA A 111 -0.91 17.52 -2.60
C ALA A 111 -1.41 17.05 -3.97
N GLU A 112 -1.93 17.92 -4.83
CA GLU A 112 -2.40 17.50 -6.13
C GLU A 112 -1.26 17.01 -7.03
N TYR A 113 -0.07 17.64 -6.90
CA TYR A 113 1.05 17.19 -7.80
C TYR A 113 1.46 15.75 -7.53
N PHE A 114 1.55 15.39 -6.27
CA PHE A 114 1.95 13.99 -5.89
C PHE A 114 0.76 13.06 -5.79
N GLY A 115 -0.44 13.59 -5.58
CA GLY A 115 -1.57 12.70 -5.27
C GLY A 115 -2.59 12.49 -6.33
N SER A 116 -2.58 13.29 -7.41
CA SER A 116 -3.54 13.02 -8.49
C SER A 116 -4.97 12.88 -7.91
N MET A 117 -5.72 11.86 -8.29
CA MET A 117 -7.16 11.76 -7.94
C MET A 117 -7.36 11.50 -6.43
N ILE A 118 -6.38 11.03 -5.67
CA ILE A 118 -6.62 10.60 -4.27
C ILE A 118 -6.86 11.80 -3.36
N VAL A 119 -6.45 13.01 -3.80
CA VAL A 119 -6.64 14.22 -2.95
C VAL A 119 -7.78 15.08 -3.49
N LEU A 120 -8.62 14.55 -4.36
CA LEU A 120 -9.73 15.35 -4.93
C LEU A 120 -11.07 14.81 -4.42
N ASP A 121 -12.05 15.71 -4.29
CA ASP A 121 -13.46 15.29 -4.16
C ASP A 121 -14.12 15.32 -5.50
N ASP A 122 -15.30 14.70 -5.60
CA ASP A 122 -16.11 14.86 -6.84
C ASP A 122 -16.64 16.31 -6.89
N PRO A 123 -16.82 16.87 -8.10
CA PRO A 123 -16.78 16.14 -9.34
C PRO A 123 -15.40 16.04 -9.93
N ARG A 124 -14.40 16.77 -9.45
CA ARG A 124 -13.08 16.70 -10.15
C ARG A 124 -12.52 15.29 -10.03
N HIS A 125 -12.71 14.63 -8.88
CA HIS A 125 -12.16 13.27 -8.69
C HIS A 125 -12.79 12.32 -9.72
N GLN A 126 -14.10 12.37 -9.87
CA GLN A 126 -14.78 11.42 -10.75
C GLN A 126 -14.40 11.66 -12.19
N ARG A 127 -14.19 12.89 -12.60
CA ARG A 127 -13.74 13.11 -13.98
C ARG A 127 -12.40 12.38 -14.21
N LEU A 128 -11.43 12.65 -13.36
CA LEU A 128 -10.12 12.08 -13.50
C LEU A 128 -10.14 10.55 -13.40
N ARG A 129 -10.83 10.01 -12.41
CA ARG A 129 -10.86 8.56 -12.23
C ARG A 129 -11.57 7.89 -13.41
N SER A 130 -12.64 8.51 -13.93
N SER A 130 -12.63 8.50 -13.93
CA SER A 130 -13.40 7.84 -15.02
CA SER A 130 -13.39 7.81 -15.00
C SER A 130 -12.54 7.77 -16.27
C SER A 130 -12.52 7.75 -16.26
N ILE A 131 -11.78 8.82 -16.55
CA ILE A 131 -10.97 8.79 -17.82
C ILE A 131 -9.79 7.83 -17.64
N VAL A 132 -9.09 7.86 -16.52
CA VAL A 132 -8.03 6.86 -16.20
C VAL A 132 -8.56 5.44 -16.31
N SER A 133 -9.72 5.17 -15.75
N SER A 133 -9.73 5.15 -15.74
CA SER A 133 -10.30 3.82 -15.81
CA SER A 133 -10.30 3.78 -15.81
C SER A 133 -10.55 3.34 -17.23
C SER A 133 -10.50 3.34 -17.25
N ARG A 134 -10.98 4.26 -18.08
CA ARG A 134 -11.28 3.94 -19.48
C ARG A 134 -9.96 3.59 -20.22
N ALA A 135 -8.83 4.03 -19.72
CA ALA A 135 -7.55 3.75 -20.37
C ALA A 135 -7.12 2.27 -20.19
N PHE A 136 -7.77 1.52 -19.27
CA PHE A 136 -7.38 0.10 -19.05
C PHE A 136 -8.15 -0.71 -20.06
N THR A 137 -7.66 -0.62 -21.32
CA THR A 137 -8.28 -1.30 -22.46
C THR A 137 -7.86 -2.78 -22.45
N PRO A 138 -8.56 -3.61 -23.23
CA PRO A 138 -8.13 -5.03 -23.27
C PRO A 138 -6.67 -5.23 -23.62
N LYS A 139 -6.13 -4.53 -24.60
CA LYS A 139 -4.71 -4.76 -24.98
C LYS A 139 -3.80 -4.31 -23.85
N VAL A 140 -4.15 -3.20 -23.18
CA VAL A 140 -3.29 -2.71 -22.09
C VAL A 140 -3.33 -3.66 -20.91
N VAL A 141 -4.53 -4.16 -20.59
CA VAL A 141 -4.67 -5.15 -19.49
C VAL A 141 -3.87 -6.44 -19.85
N ALA A 142 -3.94 -6.88 -21.12
CA ALA A 142 -3.15 -8.09 -21.49
C ALA A 142 -1.65 -7.83 -21.26
N ARG A 143 -1.18 -6.61 -21.65
CA ARG A 143 0.24 -6.27 -21.43
C ARG A 143 0.59 -6.29 -19.94
N ILE A 144 -0.31 -5.71 -19.14
CA ILE A 144 -0.03 -5.69 -17.70
C ILE A 144 0.02 -7.08 -17.11
N GLU A 145 -0.95 -7.92 -17.49
CA GLU A 145 -1.01 -9.26 -16.92
C GLU A 145 0.27 -10.05 -17.34
N ALA A 146 0.72 -9.86 -18.59
CA ALA A 146 1.94 -10.58 -19.00
C ALA A 146 3.18 -10.06 -18.22
N ALA A 147 3.24 -8.75 -17.93
CA ALA A 147 4.36 -8.19 -17.21
C ALA A 147 4.39 -8.66 -15.78
N VAL A 148 3.22 -8.82 -15.14
CA VAL A 148 3.22 -9.29 -13.73
C VAL A 148 3.93 -10.70 -13.68
N ARG A 149 3.50 -11.60 -14.59
CA ARG A 149 4.08 -12.94 -14.56
C ARG A 149 5.58 -12.93 -14.97
N ASP A 150 5.94 -12.15 -16.00
CA ASP A 150 7.29 -12.09 -16.45
C ASP A 150 8.24 -11.57 -15.35
N ARG A 151 7.77 -10.47 -14.66
CA ARG A 151 8.70 -9.83 -13.72
C ARG A 151 8.76 -10.68 -12.43
N ALA A 152 7.63 -11.27 -11.99
CA ALA A 152 7.71 -12.14 -10.81
C ALA A 152 8.60 -13.39 -11.07
N HIS A 153 8.40 -13.98 -12.24
CA HIS A 153 9.22 -15.17 -12.58
C HIS A 153 10.72 -14.80 -12.63
N ARG A 154 11.06 -13.69 -13.34
CA ARG A 154 12.48 -13.29 -13.47
C ARG A 154 13.06 -12.94 -12.13
N LEU A 155 12.30 -12.20 -11.29
CA LEU A 155 12.95 -11.74 -10.02
C LEU A 155 13.20 -12.94 -9.11
N VAL A 156 12.27 -13.90 -9.07
CA VAL A 156 12.54 -15.09 -8.22
C VAL A 156 13.71 -15.93 -8.82
N SER A 157 13.72 -16.07 -10.15
N SER A 157 13.74 -16.09 -10.14
CA SER A 157 14.85 -16.83 -10.78
CA SER A 157 14.89 -16.88 -10.74
C SER A 157 16.16 -16.14 -10.45
C SER A 157 16.21 -16.13 -10.55
N SER A 158 16.17 -14.80 -10.51
CA SER A 158 17.38 -14.02 -10.17
C SER A 158 17.79 -14.18 -8.73
N MET A 159 16.81 -14.29 -7.83
CA MET A 159 17.16 -14.57 -6.42
C MET A 159 18.02 -15.84 -6.33
N ILE A 160 17.60 -16.88 -7.06
CA ILE A 160 18.35 -18.15 -7.06
C ILE A 160 19.74 -17.95 -7.74
N ALA A 161 19.78 -17.28 -8.93
CA ALA A 161 21.05 -17.15 -9.69
C ALA A 161 22.02 -16.30 -8.95
N ASN A 162 21.52 -15.32 -8.22
CA ASN A 162 22.44 -14.30 -7.59
C ASN A 162 23.02 -14.75 -6.26
N ASN A 163 22.49 -15.85 -5.71
CA ASN A 163 22.75 -16.22 -4.29
C ASN A 163 23.16 -17.67 -4.09
N PRO A 164 24.43 -17.98 -4.40
CA PRO A 164 24.92 -19.37 -4.11
C PRO A 164 24.66 -19.81 -2.64
N ASP A 165 24.66 -18.87 -1.65
CA ASP A 165 24.40 -19.20 -0.25
C ASP A 165 22.88 -19.49 0.01
N ARG A 166 22.03 -19.28 -1.00
CA ARG A 166 20.56 -19.52 -0.91
C ARG A 166 20.02 -18.61 0.25
N GLN A 167 20.59 -17.42 0.44
CA GLN A 167 20.02 -16.42 1.35
C GLN A 167 19.83 -15.15 0.53
N ALA A 168 18.74 -14.41 0.82
CA ALA A 168 18.58 -13.16 0.14
C ALA A 168 17.70 -12.28 0.99
N ASP A 169 17.68 -10.99 0.65
CA ASP A 169 16.69 -10.09 1.31
C ASP A 169 15.46 -10.04 0.42
N LEU A 170 14.34 -10.53 0.95
CA LEU A 170 13.07 -10.58 0.11
C LEU A 170 12.72 -9.15 -0.39
N VAL A 171 12.98 -8.14 0.46
CA VAL A 171 12.54 -6.79 0.07
C VAL A 171 13.36 -6.30 -1.12
N SER A 172 14.66 -6.35 -0.98
N SER A 172 14.68 -6.33 -1.01
CA SER A 172 15.51 -5.78 -2.01
CA SER A 172 15.49 -5.76 -2.10
C SER A 172 15.51 -6.59 -3.32
C SER A 172 15.46 -6.59 -3.37
N GLU A 173 15.22 -7.91 -3.22
CA GLU A 173 15.35 -8.80 -4.36
C GLU A 173 14.04 -9.20 -4.98
N LEU A 174 12.91 -8.97 -4.31
CA LEU A 174 11.64 -9.39 -4.93
C LEU A 174 10.55 -8.34 -4.65
N ALA A 175 10.20 -8.20 -3.37
CA ALA A 175 9.00 -7.36 -3.04
C ALA A 175 9.16 -5.86 -3.48
N GLY A 176 10.38 -5.34 -3.33
CA GLY A 176 10.74 -3.95 -3.72
C GLY A 176 10.66 -3.72 -5.24
N PRO A 177 11.40 -4.55 -6.03
CA PRO A 177 11.47 -4.21 -7.47
C PRO A 177 10.15 -4.59 -8.20
N LEU A 178 9.47 -5.65 -7.74
CA LEU A 178 8.37 -6.26 -8.57
C LEU A 178 7.28 -5.20 -8.94
N PRO A 179 6.72 -4.44 -7.95
CA PRO A 179 5.58 -3.58 -8.34
C PRO A 179 6.07 -2.42 -9.20
N LEU A 180 7.30 -1.94 -9.00
CA LEU A 180 7.78 -0.77 -9.80
C LEU A 180 8.23 -1.26 -11.20
N GLN A 181 8.81 -2.45 -11.31
CA GLN A 181 9.06 -2.95 -12.67
C GLN A 181 7.75 -3.16 -13.46
N ILE A 182 6.68 -3.63 -12.77
CA ILE A 182 5.41 -3.81 -13.44
C ILE A 182 4.88 -2.40 -13.86
N ILE A 183 4.98 -1.40 -12.97
CA ILE A 183 4.48 -0.09 -13.37
C ILE A 183 5.31 0.43 -14.62
N CYS A 184 6.62 0.25 -14.61
CA CYS A 184 7.44 0.66 -15.79
C CYS A 184 6.93 -0.03 -17.06
N ASP A 185 6.71 -1.35 -16.97
CA ASP A 185 6.26 -2.11 -18.13
C ASP A 185 4.85 -1.64 -18.58
N MET A 186 3.96 -1.38 -17.61
CA MET A 186 2.59 -0.95 -17.91
C MET A 186 2.61 0.40 -18.67
N MET A 187 3.48 1.33 -18.20
CA MET A 187 3.57 2.65 -18.83
C MET A 187 4.29 2.67 -20.15
N GLY A 188 5.05 1.60 -20.41
CA GLY A 188 5.79 1.57 -21.68
C GLY A 188 7.22 2.20 -21.54
N ILE A 189 7.76 2.22 -20.31
CA ILE A 189 9.06 2.86 -20.02
C ILE A 189 10.19 1.91 -20.49
N PRO A 190 11.18 2.44 -21.22
CA PRO A 190 12.29 1.53 -21.67
C PRO A 190 13.14 1.00 -20.50
N LYS A 191 13.77 -0.13 -20.69
CA LYS A 191 14.69 -0.69 -19.72
C LYS A 191 15.77 0.30 -19.33
N ALA A 192 16.30 1.04 -20.31
CA ALA A 192 17.40 1.92 -20.00
C ALA A 192 16.98 3.06 -19.05
N ASP A 193 15.67 3.31 -18.94
CA ASP A 193 15.22 4.37 -18.00
C ASP A 193 14.87 3.83 -16.63
N HIS A 194 14.91 2.50 -16.42
CA HIS A 194 14.64 2.03 -15.05
C HIS A 194 15.57 2.64 -13.99
N GLN A 195 16.84 2.84 -14.32
CA GLN A 195 17.78 3.29 -13.28
C GLN A 195 17.27 4.67 -12.80
N ARG A 196 16.90 5.57 -13.72
CA ARG A 196 16.42 6.90 -13.33
C ARG A 196 15.11 6.80 -12.60
N ILE A 197 14.16 6.01 -13.09
CA ILE A 197 12.84 5.93 -12.43
C ILE A 197 13.01 5.35 -11.00
N PHE A 198 13.84 4.31 -10.83
CA PHE A 198 14.06 3.72 -9.48
C PHE A 198 14.72 4.73 -8.57
N HIS A 199 15.71 5.48 -9.09
CA HIS A 199 16.39 6.48 -8.22
C HIS A 199 15.40 7.55 -7.77
N TRP A 200 14.64 8.10 -8.70
CA TRP A 200 13.67 9.16 -8.36
C TRP A 200 12.68 8.61 -7.38
N THR A 201 12.12 7.42 -7.67
CA THR A 201 11.09 6.85 -6.83
C THR A 201 11.67 6.60 -5.43
N ASN A 202 12.87 6.04 -5.31
CA ASN A 202 13.49 5.72 -3.98
C ASN A 202 13.72 7.03 -3.20
N VAL A 203 14.06 8.13 -3.90
CA VAL A 203 14.25 9.36 -3.10
C VAL A 203 12.85 9.89 -2.61
N ILE A 204 11.85 9.80 -3.44
CA ILE A 204 10.51 10.23 -3.07
C ILE A 204 10.00 9.36 -1.90
N LEU A 205 10.07 8.02 -2.03
CA LEU A 205 9.61 7.12 -0.95
C LEU A 205 10.40 7.37 0.34
N GLY A 206 11.67 7.72 0.19
CA GLY A 206 12.59 7.83 1.34
C GLY A 206 12.16 8.98 2.23
N PHE A 207 11.44 9.96 1.68
CA PHE A 207 10.90 11.07 2.47
C PHE A 207 9.94 10.53 3.58
N GLY A 208 9.37 9.36 3.34
CA GLY A 208 8.45 8.68 4.30
C GLY A 208 9.18 7.90 5.37
N ASP A 209 10.54 7.86 5.30
CA ASP A 209 11.32 7.11 6.27
C ASP A 209 12.17 8.07 7.11
N PRO A 210 11.80 8.27 8.38
CA PRO A 210 12.50 9.31 9.17
C PRO A 210 13.92 8.86 9.55
N ASP A 211 14.23 7.57 9.36
CA ASP A 211 15.58 7.09 9.65
C ASP A 211 16.52 7.21 8.42
N LEU A 212 15.97 7.53 7.24
CA LEU A 212 16.77 7.70 5.98
C LEU A 212 16.87 9.18 5.71
N ALA A 213 18.10 9.78 5.76
CA ALA A 213 18.23 11.23 5.44
C ALA A 213 17.66 11.55 4.04
N THR A 214 16.80 12.56 3.99
CA THR A 214 16.26 13.01 2.72
C THR A 214 16.70 14.47 2.57
N ASP A 215 17.54 14.74 1.58
CA ASP A 215 17.79 16.14 1.29
C ASP A 215 16.59 16.84 0.61
N PHE A 216 16.06 17.92 1.19
CA PHE A 216 14.96 18.68 0.58
C PHE A 216 15.16 19.10 -0.89
N ASP A 217 16.32 19.70 -1.18
CA ASP A 217 16.57 20.15 -2.54
C ASP A 217 16.61 18.95 -3.51
N GLU A 218 17.30 17.87 -3.15
CA GLU A 218 17.30 16.68 -3.95
C GLU A 218 15.87 16.13 -4.18
N PHE A 219 15.08 16.06 -3.10
CA PHE A 219 13.71 15.61 -3.21
C PHE A 219 12.93 16.50 -4.17
N MET A 220 13.03 17.84 -4.06
CA MET A 220 12.24 18.69 -4.98
C MET A 220 12.75 18.52 -6.44
N GLN A 221 14.03 18.32 -6.61
N GLN A 221 14.05 18.31 -6.59
CA GLN A 221 14.54 18.20 -7.99
CA GLN A 221 14.74 18.07 -7.90
C GLN A 221 14.14 16.82 -8.61
C GLN A 221 14.13 16.85 -8.57
N VAL A 222 14.23 15.73 -7.86
CA VAL A 222 13.75 14.45 -8.40
C VAL A 222 12.24 14.53 -8.67
N SER A 223 11.49 15.26 -7.84
N SER A 223 11.51 15.27 -7.83
CA SER A 223 10.05 15.26 -8.05
CA SER A 223 10.05 15.32 -8.01
C SER A 223 9.69 16.09 -9.31
C SER A 223 9.71 16.09 -9.29
N ALA A 224 10.46 17.16 -9.56
CA ALA A 224 10.33 17.89 -10.87
C ALA A 224 10.77 16.98 -11.99
N ASP A 225 11.88 16.26 -11.86
CA ASP A 225 12.36 15.45 -13.02
C ASP A 225 11.42 14.32 -13.39
N ILE A 226 10.88 13.63 -12.38
CA ILE A 226 9.99 12.49 -12.70
C ILE A 226 8.73 13.00 -13.36
N GLY A 227 8.23 14.16 -12.92
CA GLY A 227 7.10 14.76 -13.58
C GLY A 227 7.43 15.19 -15.03
N ALA A 228 8.61 15.76 -15.26
CA ALA A 228 8.98 16.19 -16.65
C ALA A 228 9.12 14.90 -17.49
N TYR A 229 9.69 13.85 -16.93
CA TYR A 229 9.90 12.60 -17.67
C TYR A 229 8.52 12.02 -18.12
N ALA A 230 7.53 11.96 -17.20
CA ALA A 230 6.21 11.38 -17.56
C ALA A 230 5.46 12.28 -18.53
N THR A 231 5.62 13.62 -18.37
CA THR A 231 5.01 14.53 -19.30
C THR A 231 5.54 14.33 -20.73
N ALA A 232 6.87 14.20 -20.87
CA ALA A 232 7.49 13.92 -22.21
C ALA A 232 7.07 12.56 -22.76
N LEU A 233 6.87 11.55 -21.88
CA LEU A 233 6.46 10.20 -22.33
C LEU A 233 5.03 10.34 -22.89
N ALA A 234 4.14 11.05 -22.18
CA ALA A 234 2.80 11.26 -22.69
C ALA A 234 2.85 12.02 -24.02
N GLU A 235 3.65 13.08 -24.12
CA GLU A 235 3.72 13.87 -25.40
C GLU A 235 4.18 12.94 -26.55
N ASP A 236 5.10 12.01 -26.27
CA ASP A 236 5.54 11.15 -27.35
C ASP A 236 4.39 10.26 -27.80
N ARG A 237 3.64 9.68 -26.84
CA ARG A 237 2.53 8.81 -27.23
C ARG A 237 1.38 9.48 -27.95
N ARG A 238 1.28 10.80 -27.78
CA ARG A 238 0.26 11.57 -28.59
C ARG A 238 0.57 11.47 -30.08
N VAL A 239 1.85 11.37 -30.41
CA VAL A 239 2.30 11.14 -31.80
C VAL A 239 2.31 9.65 -32.19
N ASN A 240 2.96 8.86 -31.31
CA ASN A 240 3.21 7.44 -31.58
C ASN A 240 2.45 6.53 -30.68
N HIS A 241 1.30 6.02 -31.15
N HIS A 241 1.31 6.03 -31.16
CA HIS A 241 0.50 5.09 -30.33
CA HIS A 241 0.47 5.11 -30.38
C HIS A 241 1.25 3.80 -30.10
C HIS A 241 1.25 3.81 -30.10
N HIS A 242 1.44 3.40 -28.85
CA HIS A 242 1.93 2.07 -28.54
C HIS A 242 0.80 1.35 -27.76
N ASP A 243 0.96 0.04 -27.53
CA ASP A 243 -0.01 -0.69 -26.71
C ASP A 243 0.30 -0.59 -25.22
N ASP A 244 0.56 0.58 -24.73
CA ASP A 244 0.90 0.74 -23.28
C ASP A 244 -0.08 1.68 -22.64
N LEU A 245 -0.01 1.82 -21.32
CA LEU A 245 -1.01 2.66 -20.59
C LEU A 245 -0.77 4.09 -20.87
N THR A 246 0.49 4.52 -21.10
CA THR A 246 0.66 5.99 -21.42
C THR A 246 -0.18 6.36 -22.70
N SER A 247 -0.07 5.52 -23.72
CA SER A 247 -0.82 5.79 -24.95
C SER A 247 -2.33 5.72 -24.70
N SER A 248 -2.82 4.71 -23.94
CA SER A 248 -4.29 4.65 -23.76
C SER A 248 -4.71 5.81 -22.87
N LEU A 249 -3.82 6.34 -21.98
CA LEU A 249 -4.22 7.47 -21.12
C LEU A 249 -4.38 8.74 -22.00
N VAL A 250 -3.47 8.94 -22.97
CA VAL A 250 -3.57 10.12 -23.83
C VAL A 250 -4.78 10.02 -24.76
N GLU A 251 -5.20 8.78 -25.12
CA GLU A 251 -6.31 8.66 -26.09
C GLU A 251 -7.66 8.55 -25.38
N ALA A 252 -7.68 8.27 -24.07
CA ALA A 252 -8.97 7.94 -23.41
C ALA A 252 -9.88 9.19 -23.35
N GLU A 253 -11.19 9.00 -23.41
CA GLU A 253 -12.11 10.14 -23.45
C GLU A 253 -13.40 9.72 -22.78
N VAL A 254 -13.93 10.59 -21.87
CA VAL A 254 -15.26 10.32 -21.28
C VAL A 254 -16.08 11.57 -21.50
N ASP A 255 -17.14 11.42 -22.28
CA ASP A 255 -18.00 12.59 -22.61
C ASP A 255 -17.21 13.78 -23.17
N GLY A 256 -16.28 13.55 -24.08
CA GLY A 256 -15.46 14.62 -24.63
C GLY A 256 -14.28 15.05 -23.78
N GLU A 257 -14.20 14.60 -22.53
CA GLU A 257 -13.17 15.09 -21.63
C GLU A 257 -11.92 14.21 -21.81
N ARG A 258 -10.74 14.83 -21.87
CA ARG A 258 -9.47 14.09 -22.01
C ARG A 258 -8.49 14.59 -20.97
N LEU A 259 -7.49 13.75 -20.69
CA LEU A 259 -6.40 14.10 -19.74
C LEU A 259 -5.29 14.96 -20.34
N SER A 260 -4.90 15.95 -19.56
CA SER A 260 -3.70 16.69 -19.93
C SER A 260 -2.44 15.86 -19.63
N SER A 261 -1.34 16.22 -20.26
CA SER A 261 -0.07 15.51 -19.96
C SER A 261 0.35 15.75 -18.52
N ARG A 262 0.07 16.94 -17.96
CA ARG A 262 0.34 17.24 -16.59
C ARG A 262 -0.50 16.27 -15.70
N GLU A 263 -1.76 16.08 -16.05
CA GLU A 263 -2.59 15.11 -15.26
C GLU A 263 -2.01 13.68 -15.29
N ILE A 264 -1.60 13.27 -16.50
N ILE A 264 -1.60 13.25 -16.49
CA ILE A 264 -0.97 11.94 -16.67
CA ILE A 264 -1.01 11.87 -16.61
C ILE A 264 0.29 11.80 -15.79
C ILE A 264 0.32 11.77 -15.81
N ALA A 265 1.13 12.87 -15.78
CA ALA A 265 2.39 12.84 -15.04
C ALA A 265 2.07 12.69 -13.54
N SER A 266 1.07 13.43 -13.04
CA SER A 266 0.77 13.30 -11.58
C SER A 266 0.15 11.95 -11.23
N PHE A 267 -0.64 11.38 -12.15
CA PHE A 267 -1.16 10.04 -11.95
C PHE A 267 0.06 9.08 -11.83
N PHE A 268 1.04 9.22 -12.75
CA PHE A 268 2.25 8.33 -12.66
C PHE A 268 2.97 8.50 -11.30
N ILE A 269 3.07 9.75 -10.79
CA ILE A 269 3.73 9.97 -9.51
C ILE A 269 2.93 9.31 -8.38
N LEU A 270 1.60 9.39 -8.44
CA LEU A 270 0.76 8.64 -7.49
C LEU A 270 1.09 7.16 -7.60
N LEU A 271 1.14 6.63 -8.83
CA LEU A 271 1.34 5.15 -8.93
C LEU A 271 2.68 4.70 -8.32
N VAL A 272 3.77 5.45 -8.54
CA VAL A 272 5.09 4.94 -8.07
C VAL A 272 5.19 4.94 -6.52
N VAL A 273 4.24 5.59 -5.84
CA VAL A 273 4.13 5.52 -4.37
C VAL A 273 2.99 4.58 -3.99
N ALA A 274 1.77 4.96 -4.33
CA ALA A 274 0.58 4.26 -3.83
C ALA A 274 0.35 2.87 -4.45
N GLY A 275 0.84 2.66 -5.67
CA GLY A 275 0.75 1.38 -6.34
C GLY A 275 2.01 0.56 -6.26
N ASN A 276 2.88 0.93 -5.36
CA ASN A 276 4.22 0.36 -5.39
C ASN A 276 4.60 -0.12 -3.98
N GLU A 277 4.80 0.80 -3.03
N GLU A 277 4.79 0.82 -3.05
CA GLU A 277 5.22 0.39 -1.67
CA GLU A 277 5.22 0.44 -1.69
C GLU A 277 4.13 -0.44 -0.97
C GLU A 277 4.14 -0.40 -0.98
N THR A 278 2.86 -0.19 -1.32
CA THR A 278 1.76 -0.95 -0.73
C THR A 278 1.90 -2.45 -1.15
N THR A 279 1.95 -2.71 -2.45
CA THR A 279 2.09 -4.15 -2.86
C THR A 279 3.38 -4.76 -2.32
N ARG A 280 4.47 -4.01 -2.28
CA ARG A 280 5.73 -4.49 -1.71
C ARG A 280 5.43 -5.05 -0.27
N ASN A 281 4.80 -4.18 0.55
CA ASN A 281 4.61 -4.57 1.97
C ASN A 281 3.59 -5.71 2.09
N ALA A 282 2.57 -5.75 1.23
CA ALA A 282 1.66 -6.92 1.28
C ALA A 282 2.50 -8.23 1.06
N ILE A 283 3.38 -8.23 0.05
CA ILE A 283 4.17 -9.46 -0.18
C ILE A 283 5.10 -9.78 0.93
N THR A 284 5.77 -8.77 1.50
CA THR A 284 6.75 -9.07 2.55
C THR A 284 6.02 -9.57 3.82
N HIS A 285 4.92 -8.88 4.23
CA HIS A 285 4.15 -9.37 5.39
C HIS A 285 3.55 -10.74 5.12
N GLY A 286 3.24 -11.04 3.86
CA GLY A 286 2.66 -12.35 3.52
C GLY A 286 3.74 -13.41 3.69
N VAL A 287 5.00 -13.14 3.30
CA VAL A 287 6.09 -14.16 3.51
C VAL A 287 6.38 -14.33 5.03
N LEU A 288 6.34 -13.23 5.77
CA LEU A 288 6.51 -13.26 7.18
C LEU A 288 5.41 -14.14 7.84
N ALA A 289 4.16 -13.92 7.42
CA ALA A 289 3.03 -14.67 7.98
C ALA A 289 3.16 -16.17 7.61
N LEU A 290 3.51 -16.48 6.37
CA LEU A 290 3.67 -17.93 6.03
C LEU A 290 4.80 -18.56 6.86
N SER A 291 5.80 -17.78 7.18
CA SER A 291 6.96 -18.26 7.99
C SER A 291 6.52 -18.45 9.45
N ARG A 292 5.68 -17.56 9.95
CA ARG A 292 5.19 -17.76 11.32
C ARG A 292 4.09 -18.87 11.47
N TYR A 293 3.37 -19.18 10.40
CA TYR A 293 2.19 -20.07 10.40
C TYR A 293 2.36 -21.07 9.26
N PRO A 294 3.34 -21.98 9.40
CA PRO A 294 3.63 -22.86 8.27
C PRO A 294 2.52 -23.77 7.89
N GLU A 295 1.55 -24.08 8.79
CA GLU A 295 0.40 -24.86 8.37
C GLU A 295 -0.39 -24.14 7.27
N GLN A 296 -0.43 -22.78 7.29
CA GLN A 296 -1.10 -22.06 6.21
C GLN A 296 -0.36 -22.18 4.92
N ARG A 297 0.98 -22.05 4.97
CA ARG A 297 1.79 -22.26 3.73
C ARG A 297 1.50 -23.66 3.17
N ASP A 298 1.49 -24.67 4.07
CA ASP A 298 1.26 -26.04 3.55
C ASP A 298 -0.09 -26.20 2.92
N ARG A 299 -1.13 -25.60 3.53
CA ARG A 299 -2.44 -25.68 2.93
C ARG A 299 -2.53 -25.01 1.60
N TRP A 300 -1.95 -23.82 1.49
CA TRP A 300 -1.97 -23.11 0.20
C TRP A 300 -1.19 -23.86 -0.87
N TRP A 301 -0.01 -24.37 -0.55
CA TRP A 301 0.76 -25.04 -1.56
C TRP A 301 0.07 -26.31 -2.03
N SER A 302 -0.75 -26.90 -1.16
N SER A 302 -0.76 -26.91 -1.17
CA SER A 302 -1.46 -28.16 -1.50
CA SER A 302 -1.48 -28.17 -1.52
C SER A 302 -2.62 -27.91 -2.50
C SER A 302 -2.64 -27.92 -2.50
N ASP A 303 -3.10 -26.67 -2.58
CA ASP A 303 -4.16 -26.29 -3.51
C ASP A 303 -4.06 -24.82 -3.89
N PHE A 304 -3.07 -24.49 -4.72
CA PHE A 304 -2.69 -23.10 -4.85
C PHE A 304 -3.80 -22.32 -5.52
N ASP A 305 -4.32 -22.80 -6.65
CA ASP A 305 -5.32 -22.03 -7.35
C ASP A 305 -6.67 -22.00 -6.61
N GLY A 306 -7.00 -23.10 -5.93
CA GLY A 306 -8.29 -23.13 -5.20
C GLY A 306 -8.29 -22.16 -4.03
N LEU A 307 -7.15 -22.07 -3.33
CA LEU A 307 -7.09 -21.23 -2.12
C LEU A 307 -6.63 -19.79 -2.49
N ALA A 308 -6.06 -19.55 -3.65
CA ALA A 308 -5.48 -18.17 -3.93
C ALA A 308 -6.46 -17.03 -3.70
N PRO A 309 -7.75 -17.14 -4.11
CA PRO A 309 -8.60 -15.93 -3.96
C PRO A 309 -8.75 -15.53 -2.52
N THR A 310 -9.04 -16.50 -1.66
CA THR A 310 -9.15 -16.13 -0.20
C THR A 310 -7.74 -15.91 0.43
N ALA A 311 -6.69 -16.58 -0.03
CA ALA A 311 -5.37 -16.38 0.58
C ALA A 311 -4.90 -14.96 0.35
N VAL A 312 -5.04 -14.44 -0.86
CA VAL A 312 -4.59 -13.09 -1.15
C VAL A 312 -5.36 -12.09 -0.31
N GLU A 313 -6.69 -12.25 -0.20
CA GLU A 313 -7.47 -11.28 0.63
C GLU A 313 -6.99 -11.35 2.08
N GLU A 314 -6.71 -12.55 2.61
CA GLU A 314 -6.30 -12.62 4.00
C GLU A 314 -4.89 -12.00 4.18
N ILE A 315 -4.02 -12.11 3.16
CA ILE A 315 -2.69 -11.48 3.26
C ILE A 315 -2.89 -9.94 3.36
N VAL A 316 -3.85 -9.38 2.58
CA VAL A 316 -4.07 -7.92 2.64
C VAL A 316 -4.71 -7.52 4.00
N ARG A 317 -5.71 -8.29 4.45
CA ARG A 317 -6.32 -7.97 5.77
C ARG A 317 -5.18 -8.04 6.87
N TRP A 318 -4.37 -9.07 6.81
CA TRP A 318 -3.38 -9.27 7.85
C TRP A 318 -2.29 -8.18 7.79
N ALA A 319 -1.77 -7.86 6.56
CA ALA A 319 -0.70 -6.86 6.42
C ALA A 319 -1.22 -5.45 6.58
N SER A 320 -2.49 -5.17 6.24
CA SER A 320 -3.02 -3.77 6.12
C SER A 320 -1.91 -2.79 5.72
N PRO A 321 -1.37 -2.89 4.50
CA PRO A 321 -0.15 -2.12 4.11
C PRO A 321 -0.34 -0.61 4.32
N VAL A 322 -1.58 -0.14 4.11
CA VAL A 322 -1.92 1.30 4.33
C VAL A 322 -2.53 1.24 5.72
N VAL A 323 -1.84 1.91 6.68
CA VAL A 323 -2.28 1.83 8.07
C VAL A 323 -3.56 2.63 8.32
N TYR A 324 -3.58 3.82 7.74
CA TYR A 324 -4.75 4.71 7.86
C TYR A 324 -4.85 5.61 6.62
N MET A 325 -6.03 6.23 6.41
CA MET A 325 -6.09 7.42 5.52
C MET A 325 -6.80 8.52 6.33
N ARG A 326 -6.50 9.77 6.04
CA ARG A 326 -7.14 10.87 6.72
C ARG A 326 -8.21 11.51 5.82
N ARG A 327 -9.16 12.18 6.52
CA ARG A 327 -10.17 13.02 5.90
C ARG A 327 -10.29 14.29 6.68
N THR A 328 -11.07 15.24 6.15
CA THR A 328 -11.34 16.52 6.83
C THR A 328 -12.84 16.77 6.86
N LEU A 329 -13.39 17.04 8.05
CA LEU A 329 -14.87 17.28 8.10
C LEU A 329 -15.30 18.56 7.41
N THR A 330 -16.37 18.46 6.61
CA THR A 330 -16.95 19.64 5.98
C THR A 330 -18.05 20.25 6.83
N GLN A 331 -18.50 19.48 7.85
CA GLN A 331 -19.60 19.91 8.71
C GLN A 331 -19.43 19.18 10.03
N ASP A 332 -20.08 19.72 11.06
CA ASP A 332 -20.10 19.01 12.36
C ASP A 332 -20.80 17.62 12.20
N ILE A 333 -20.31 16.61 12.95
CA ILE A 333 -21.02 15.31 12.98
C ILE A 333 -20.85 14.78 14.41
N GLU A 334 -21.79 14.00 14.88
CA GLU A 334 -21.54 13.26 16.15
C GLU A 334 -21.57 11.79 15.82
N LEU A 335 -20.53 11.04 16.17
CA LEU A 335 -20.50 9.57 15.99
C LEU A 335 -20.25 8.93 17.32
N ARG A 336 -21.04 7.90 17.70
CA ARG A 336 -20.78 7.22 19.01
C ARG A 336 -20.73 8.18 20.13
N GLY A 337 -21.59 9.20 20.10
CA GLY A 337 -21.58 10.19 21.14
C GLY A 337 -20.48 11.22 21.17
N THR A 338 -19.51 11.15 20.22
CA THR A 338 -18.41 12.07 20.22
C THR A 338 -18.70 13.15 19.17
N LYS A 339 -18.74 14.39 19.59
CA LYS A 339 -19.05 15.49 18.70
C LYS A 339 -17.75 15.92 18.05
N MET A 340 -17.75 15.99 16.71
CA MET A 340 -16.53 16.42 16.01
C MET A 340 -16.92 17.62 15.13
N ALA A 341 -16.01 18.60 14.98
CA ALA A 341 -16.39 19.90 14.36
C ALA A 341 -15.98 19.98 12.91
N ALA A 342 -16.74 20.72 12.13
CA ALA A 342 -16.34 21.07 10.74
C ALA A 342 -14.91 21.59 10.77
N GLY A 343 -14.08 21.12 9.79
CA GLY A 343 -12.70 21.49 9.77
C GLY A 343 -11.78 20.54 10.52
N ASP A 344 -12.33 19.69 11.41
CA ASP A 344 -11.44 18.77 12.18
C ASP A 344 -10.85 17.66 11.26
N LYS A 345 -9.63 17.23 11.54
CA LYS A 345 -9.08 16.02 10.89
C LYS A 345 -9.66 14.73 11.47
N VAL A 346 -9.82 13.71 10.62
CA VAL A 346 -10.32 12.42 11.05
C VAL A 346 -9.35 11.40 10.45
N SER A 347 -8.90 10.42 11.24
CA SER A 347 -8.06 9.39 10.68
C SER A 347 -8.79 8.05 10.73
N LEU A 348 -8.70 7.30 9.61
CA LEU A 348 -9.43 6.08 9.43
C LEU A 348 -8.44 4.92 9.55
N TRP A 349 -8.48 4.18 10.67
CA TRP A 349 -7.40 3.17 10.96
C TRP A 349 -7.79 1.85 10.39
N TYR A 350 -7.43 1.60 9.12
CA TYR A 350 -7.71 0.33 8.50
C TYR A 350 -7.03 -0.82 9.27
N CYS A 351 -5.82 -0.56 9.86
CA CYS A 351 -5.15 -1.64 10.63
C CYS A 351 -6.04 -2.13 11.79
N SER A 352 -6.84 -1.23 12.36
CA SER A 352 -7.68 -1.54 13.49
C SER A 352 -9.04 -2.12 12.97
N ALA A 353 -9.62 -1.52 11.93
CA ALA A 353 -10.87 -2.05 11.31
C ALA A 353 -10.62 -3.52 10.96
N ASN A 354 -9.40 -3.85 10.47
CA ASN A 354 -9.07 -5.22 10.04
C ASN A 354 -8.80 -6.19 11.19
N ARG A 355 -9.03 -5.78 12.43
CA ARG A 355 -9.02 -6.74 13.55
C ARG A 355 -10.25 -6.53 14.39
N ASP A 356 -11.28 -5.87 13.83
CA ASP A 356 -12.44 -5.53 14.68
C ASP A 356 -13.24 -6.82 14.97
N GLU A 357 -13.38 -7.09 16.28
CA GLU A 357 -14.01 -8.27 16.79
C GLU A 357 -15.50 -8.29 16.46
N SER A 358 -16.13 -7.14 16.22
N SER A 358 -16.07 -7.11 16.22
CA SER A 358 -17.54 -7.18 15.84
CA SER A 358 -17.46 -6.91 15.83
C SER A 358 -17.72 -7.65 14.42
C SER A 358 -17.75 -7.30 14.39
N LYS A 359 -16.67 -7.48 13.59
CA LYS A 359 -16.80 -7.79 12.22
C LYS A 359 -16.20 -9.14 11.83
N PHE A 360 -15.06 -9.48 12.39
CA PHE A 360 -14.37 -10.71 12.05
C PHE A 360 -14.47 -11.70 13.19
N ALA A 361 -14.95 -12.90 12.82
CA ALA A 361 -14.75 -14.07 13.63
C ALA A 361 -13.23 -14.36 13.72
N ASP A 362 -12.79 -14.50 14.96
CA ASP A 362 -11.38 -14.86 15.27
C ASP A 362 -10.43 -13.95 14.48
N PRO A 363 -10.40 -12.66 14.79
CA PRO A 363 -9.63 -11.71 14.01
C PRO A 363 -8.10 -11.95 14.15
N TRP A 364 -7.63 -12.68 15.19
CA TRP A 364 -6.22 -12.87 15.42
C TRP A 364 -5.80 -14.19 14.80
N THR A 365 -6.68 -14.79 14.06
CA THR A 365 -6.27 -16.03 13.28
C THR A 365 -5.98 -15.65 11.83
N PHE A 366 -4.81 -16.03 11.36
CA PHE A 366 -4.39 -15.79 9.97
C PHE A 366 -4.84 -17.04 9.18
N ASP A 367 -5.93 -16.89 8.45
CA ASP A 367 -6.64 -18.09 7.88
C ASP A 367 -6.76 -17.86 6.37
N LEU A 368 -5.93 -18.56 5.61
CA LEU A 368 -5.92 -18.30 4.19
C LEU A 368 -7.23 -18.78 3.46
N ALA A 369 -8.12 -19.51 4.17
CA ALA A 369 -9.42 -19.91 3.63
C ALA A 369 -10.53 -18.96 4.08
N ARG A 370 -10.16 -17.89 4.79
CA ARG A 370 -11.18 -17.01 5.38
C ARG A 370 -12.23 -16.53 4.37
N ASN A 371 -13.50 -16.78 4.66
CA ASN A 371 -14.62 -16.35 3.76
C ASN A 371 -15.88 -16.29 4.58
N PRO A 372 -16.59 -15.14 4.55
CA PRO A 372 -16.23 -13.93 3.78
C PRO A 372 -15.07 -13.20 4.43
N ASN A 373 -14.56 -12.16 3.70
CA ASN A 373 -13.44 -11.39 4.27
C ASN A 373 -13.60 -9.95 3.80
N PRO A 374 -14.47 -9.20 4.48
CA PRO A 374 -14.77 -7.85 4.03
C PRO A 374 -13.73 -6.84 4.55
N HIS A 375 -12.46 -7.17 4.44
CA HIS A 375 -11.44 -6.33 5.07
C HIS A 375 -11.41 -4.94 4.37
N LEU A 376 -10.81 -3.99 5.07
CA LEU A 376 -10.70 -2.62 4.60
C LEU A 376 -9.25 -2.27 4.22
N GLY A 377 -8.47 -3.29 3.81
CA GLY A 377 -7.11 -3.03 3.45
C GLY A 377 -6.99 -2.19 2.20
N PHE A 378 -8.00 -2.19 1.31
CA PHE A 378 -8.03 -1.27 0.15
C PHE A 378 -8.95 -0.10 0.41
N GLY A 379 -9.18 0.15 1.72
CA GLY A 379 -10.09 1.23 2.20
C GLY A 379 -11.50 0.75 2.45
N GLY A 380 -12.37 1.68 2.93
CA GLY A 380 -13.71 1.27 3.26
C GLY A 380 -14.70 1.12 2.17
N GLY A 381 -14.25 1.31 0.94
CA GLY A 381 -15.17 1.28 -0.23
C GLY A 381 -15.64 2.66 -0.56
N GLY A 382 -16.38 2.76 -1.68
CA GLY A 382 -16.92 4.06 -2.05
C GLY A 382 -16.04 4.74 -3.07
N ALA A 383 -16.07 6.07 -3.07
CA ALA A 383 -15.58 6.81 -4.21
C ALA A 383 -14.08 6.58 -4.51
N HIS A 384 -13.26 6.45 -3.45
CA HIS A 384 -11.82 6.32 -3.61
C HIS A 384 -11.35 4.89 -3.51
N PHE A 385 -12.24 3.89 -3.58
CA PHE A 385 -11.79 2.51 -3.39
C PHE A 385 -10.58 2.21 -4.32
N CYS A 386 -9.53 1.60 -3.76
CA CYS A 386 -8.27 1.42 -4.53
C CYS A 386 -8.49 1.04 -5.99
N LEU A 387 -8.04 1.94 -6.89
CA LEU A 387 -8.25 1.72 -8.31
C LEU A 387 -7.39 0.53 -8.78
N GLY A 388 -6.30 0.22 -8.10
CA GLY A 388 -5.41 -0.86 -8.47
C GLY A 388 -5.70 -2.16 -7.78
N ALA A 389 -6.86 -2.31 -7.08
CA ALA A 389 -6.99 -3.45 -6.18
C ALA A 389 -6.83 -4.76 -6.97
N ASN A 390 -7.42 -4.85 -8.17
CA ASN A 390 -7.31 -6.14 -8.89
C ASN A 390 -5.89 -6.39 -9.36
N LEU A 391 -5.18 -5.34 -9.75
CA LEU A 391 -3.76 -5.51 -10.13
C LEU A 391 -2.95 -5.93 -8.87
N ALA A 392 -3.23 -5.28 -7.73
CA ALA A 392 -2.51 -5.67 -6.50
C ALA A 392 -2.76 -7.16 -6.17
N ARG A 393 -4.02 -7.57 -6.28
CA ARG A 393 -4.36 -8.99 -5.99
C ARG A 393 -3.58 -9.93 -6.92
N ARG A 394 -3.50 -9.56 -8.23
CA ARG A 394 -2.75 -10.39 -9.17
C ARG A 394 -1.27 -10.39 -8.85
N GLU A 395 -0.71 -9.23 -8.51
CA GLU A 395 0.71 -9.14 -8.15
C GLU A 395 1.04 -10.07 -6.94
N ILE A 396 0.18 -10.02 -5.91
CA ILE A 396 0.38 -10.84 -4.72
C ILE A 396 0.30 -12.32 -5.14
N ARG A 397 -0.80 -12.69 -5.84
CA ARG A 397 -0.97 -14.10 -6.21
C ARG A 397 0.20 -14.61 -7.01
N VAL A 398 0.64 -13.83 -7.97
CA VAL A 398 1.67 -14.37 -8.91
C VAL A 398 3.03 -14.38 -8.23
N ALA A 399 3.31 -13.42 -7.35
CA ALA A 399 4.58 -13.47 -6.58
C ALA A 399 4.62 -14.77 -5.76
N PHE A 400 3.54 -15.07 -5.04
CA PHE A 400 3.52 -16.29 -4.23
C PHE A 400 3.54 -17.56 -5.10
N ASP A 401 2.89 -17.49 -6.26
CA ASP A 401 2.95 -18.63 -7.19
C ASP A 401 4.37 -18.90 -7.63
N GLU A 402 5.14 -17.82 -7.90
CA GLU A 402 6.51 -18.04 -8.36
C GLU A 402 7.39 -18.52 -7.23
N LEU A 403 7.13 -18.03 -6.02
CA LEU A 403 7.86 -18.62 -4.85
C LEU A 403 7.57 -20.12 -4.68
N ARG A 404 6.26 -20.49 -4.75
CA ARG A 404 5.86 -21.87 -4.67
C ARG A 404 6.50 -22.71 -5.79
N ARG A 405 6.53 -22.22 -7.02
CA ARG A 405 7.08 -23.02 -8.12
C ARG A 405 8.59 -23.16 -8.02
N GLN A 406 9.30 -22.10 -7.61
CA GLN A 406 10.72 -22.12 -7.74
C GLN A 406 11.51 -22.36 -6.47
N MET A 407 10.93 -22.01 -5.32
CA MET A 407 11.60 -22.13 -4.00
C MET A 407 10.52 -22.35 -2.95
N PRO A 408 9.84 -23.51 -2.98
CA PRO A 408 8.61 -23.64 -2.19
C PRO A 408 8.82 -23.55 -0.69
N ASP A 409 10.01 -23.88 -0.21
CA ASP A 409 10.22 -23.83 1.26
C ASP A 409 10.84 -22.47 1.71
N VAL A 410 10.78 -21.42 0.86
CA VAL A 410 11.37 -20.14 1.24
C VAL A 410 10.80 -19.68 2.54
N VAL A 411 11.68 -19.18 3.44
CA VAL A 411 11.19 -18.85 4.79
C VAL A 411 12.03 -17.72 5.32
N ALA A 412 11.40 -16.81 6.09
CA ALA A 412 12.13 -15.72 6.75
C ALA A 412 13.12 -16.28 7.79
N THR A 413 14.30 -15.66 7.89
CA THR A 413 15.32 -16.18 8.82
C THR A 413 15.68 -15.18 9.90
N GLU A 414 15.18 -13.95 9.80
CA GLU A 414 15.39 -13.00 10.86
C GLU A 414 14.10 -12.20 10.96
N GLU A 415 13.83 -11.69 12.16
CA GLU A 415 12.67 -10.80 12.28
C GLU A 415 12.82 -9.58 11.37
N PRO A 416 11.70 -9.05 10.88
CA PRO A 416 11.85 -7.93 9.96
C PRO A 416 12.41 -6.66 10.64
N ALA A 417 13.18 -5.87 9.88
CA ALA A 417 13.48 -4.49 10.30
C ALA A 417 12.27 -3.66 9.82
N ARG A 418 11.60 -3.01 10.74
CA ARG A 418 10.34 -2.31 10.45
C ARG A 418 10.61 -0.85 10.08
N LEU A 419 9.81 -0.33 9.14
CA LEU A 419 9.87 1.07 8.80
C LEU A 419 9.18 1.90 9.97
N LEU A 420 9.82 2.99 10.37
CA LEU A 420 9.19 3.84 11.41
C LEU A 420 8.19 4.77 10.76
N SER A 421 6.90 4.35 10.71
CA SER A 421 5.91 5.15 10.03
C SER A 421 4.54 4.92 10.63
N GLN A 422 3.72 5.98 10.69
CA GLN A 422 2.35 5.88 11.13
C GLN A 422 1.44 5.48 9.98
N PHE A 423 1.87 5.72 8.73
CA PHE A 423 0.99 5.65 7.55
C PHE A 423 1.21 4.38 6.75
N ILE A 424 2.46 3.88 6.78
CA ILE A 424 2.83 2.77 5.89
C ILE A 424 3.30 1.61 6.79
N HIS A 425 2.73 0.40 6.56
CA HIS A 425 3.07 -0.75 7.41
C HIS A 425 4.30 -1.40 6.80
N GLY A 426 5.45 -0.73 6.91
CA GLY A 426 6.58 -1.05 6.01
C GLY A 426 7.57 -2.01 6.67
N ILE A 427 8.07 -2.95 5.87
CA ILE A 427 9.23 -3.78 6.31
C ILE A 427 10.39 -3.37 5.41
N LYS A 428 11.51 -3.01 6.02
N LYS A 428 11.51 -3.02 6.01
CA LYS A 428 12.65 -2.50 5.23
CA LYS A 428 12.65 -2.52 5.24
C LYS A 428 13.51 -3.68 4.73
C LYS A 428 13.51 -3.68 4.76
N THR A 429 13.65 -4.73 5.57
N THR A 429 13.58 -4.75 5.57
CA THR A 429 14.41 -5.94 5.18
CA THR A 429 14.43 -5.93 5.24
C THR A 429 13.74 -7.15 5.77
C THR A 429 13.78 -7.17 5.81
N LEU A 430 13.79 -8.26 5.01
CA LEU A 430 13.31 -9.55 5.48
C LEU A 430 14.24 -10.59 4.84
N PRO A 431 15.30 -10.95 5.55
CA PRO A 431 16.14 -12.07 5.10
C PRO A 431 15.35 -13.35 4.98
N VAL A 432 15.63 -14.07 3.89
CA VAL A 432 14.99 -15.34 3.66
C VAL A 432 16.01 -16.40 3.24
N THR A 433 15.60 -17.70 3.30
CA THR A 433 16.48 -18.76 2.76
C THR A 433 15.60 -19.81 2.17
N TRP A 434 16.14 -20.69 1.34
CA TRP A 434 15.35 -21.73 0.66
C TRP A 434 16.30 -22.85 0.32
N SER A 435 15.72 -23.97 -0.12
CA SER A 435 16.54 -25.11 -0.68
C SER A 435 16.68 -25.06 -2.17
#